data_4DB3
#
_entry.id   4DB3
#
_cell.length_a   80.400
_cell.length_b   80.400
_cell.length_c   110.418
_cell.angle_alpha   90.00
_cell.angle_beta   90.00
_cell.angle_gamma   120.00
#
_symmetry.space_group_name_H-M   'P 64'
#
loop_
_entity.id
_entity.type
_entity.pdbx_description
1 polymer 'N-acetyl-D-glucosamine kinase'
2 non-polymer 'ZINC ION'
3 non-polymer 'CHLORIDE ION'
4 non-polymer 'SULFATE ION'
5 non-polymer GLYCEROL
6 water water
#
_entity_poly.entity_id   1
_entity_poly.type   'polypeptide(L)'
_entity_poly.pdbx_seq_one_letter_code
;MHHHHHHSSGVDLGTENLYFQSNAMYYGFDVGGTKIEFGAFNEKLERVATERVPTPTDDYPLLLETIAGLVAKYDQEFAC
EGKIGLGLPGMEDADDATVLTVNVPAAKGKPLRADLEAKIGRSVKIENDANCFALSEAWDEELQDAPSVMGLILGTGFGG
GLIYEGKVFSGRNNVAGELGHMRLPLDAWFHLGDNAPLLGCGCGKKGCLDSYLSGRGFELLYAHYYGEEKKAIDIIKANA
AGDEKAAEHVERFMELLAICFGNIFTANDPHVVALGGGLSNFELIYEEMPKRVPKYLLSVAKCPKIIKAKHGDSGGVRGA
AFLNIKG
;
_entity_poly.pdbx_strand_id   A
#
loop_
_chem_comp.id
_chem_comp.type
_chem_comp.name
_chem_comp.formula
CL non-polymer 'CHLORIDE ION' 'Cl -1'
GOL non-polymer GLYCEROL 'C3 H8 O3'
SO4 non-polymer 'SULFATE ION' 'O4 S -2'
ZN non-polymer 'ZINC ION' 'Zn 2'
#
# COMPACT_ATOMS: atom_id res chain seq x y z
N ASN A 17 -3.70 -6.65 -32.91
CA ASN A 17 -4.61 -6.18 -31.81
C ASN A 17 -4.23 -4.88 -31.17
N LEU A 18 -2.95 -4.52 -31.23
CA LEU A 18 -2.51 -3.30 -30.56
C LEU A 18 -2.90 -2.02 -31.31
N TYR A 19 -3.35 -2.13 -32.58
CA TYR A 19 -3.73 -0.92 -33.32
C TYR A 19 -5.11 -0.40 -32.90
N PHE A 20 -5.82 -1.14 -32.07
CA PHE A 20 -7.09 -0.67 -31.54
C PHE A 20 -6.71 0.26 -30.38
N GLN A 21 -6.07 1.37 -30.73
CA GLN A 21 -5.54 2.31 -29.74
C GLN A 21 -6.53 3.25 -29.09
N SER A 22 -6.18 3.65 -27.87
CA SER A 22 -6.87 4.70 -27.16
C SER A 22 -5.91 5.84 -27.52
N ASN A 23 -6.23 7.08 -27.15
CA ASN A 23 -5.33 8.17 -27.50
C ASN A 23 -4.05 8.15 -26.64
N ALA A 24 -4.21 7.84 -25.36
CA ALA A 24 -3.08 7.79 -24.42
C ALA A 24 -2.83 6.36 -23.92
N MET A 25 -1.59 6.09 -23.55
CA MET A 25 -1.21 4.78 -23.00
C MET A 25 -0.37 5.03 -21.73
N TYR A 26 -0.65 4.28 -20.68
CA TYR A 26 0.06 4.44 -19.42
C TYR A 26 0.90 3.21 -19.12
N TYR A 27 2.21 3.42 -18.91
CA TYR A 27 3.07 2.33 -18.55
C TYR A 27 3.31 2.39 -17.04
N GLY A 28 3.32 1.23 -16.41
CA GLY A 28 3.62 1.08 -15.02
C GLY A 28 4.71 0.04 -14.82
N PHE A 29 5.67 0.37 -13.95
CA PHE A 29 6.78 -0.53 -13.57
C PHE A 29 6.72 -0.72 -12.07
N ASP A 30 6.72 -1.98 -11.65
CA ASP A 30 6.75 -2.33 -10.24
C ASP A 30 8.14 -2.95 -10.05
N VAL A 31 9.04 -2.20 -9.43
CA VAL A 31 10.40 -2.65 -9.24
C VAL A 31 10.56 -3.34 -7.89
N GLY A 32 10.84 -4.64 -7.94
CA GLY A 32 11.05 -5.44 -6.73
C GLY A 32 12.49 -5.88 -6.61
N GLY A 33 12.85 -6.45 -5.47
CA GLY A 33 14.21 -6.92 -5.26
C GLY A 33 14.70 -8.01 -6.20
N THR A 34 13.78 -8.82 -6.72
N THR A 34 13.76 -8.80 -6.71
CA THR A 34 14.14 -9.89 -7.64
CA THR A 34 14.06 -9.92 -7.61
C THR A 34 13.59 -9.67 -9.07
C THR A 34 13.60 -9.67 -9.04
N LYS A 35 12.38 -9.15 -9.18
CA LYS A 35 11.78 -8.91 -10.51
C LYS A 35 11.21 -7.53 -10.74
N ILE A 36 11.26 -7.10 -11.99
CA ILE A 36 10.66 -5.85 -12.43
C ILE A 36 9.47 -6.28 -13.24
N GLU A 37 8.30 -5.76 -12.87
CA GLU A 37 7.09 -6.05 -13.62
C GLU A 37 6.57 -4.84 -14.36
N PHE A 38 6.29 -5.06 -15.64
CA PHE A 38 5.76 -4.02 -16.51
C PHE A 38 4.32 -4.28 -16.88
N GLY A 39 3.57 -3.20 -17.01
CA GLY A 39 2.19 -3.25 -17.49
C GLY A 39 1.87 -2.02 -18.32
N ALA A 40 1.11 -2.20 -19.38
CA ALA A 40 0.62 -1.11 -20.22
C ALA A 40 -0.88 -1.11 -20.09
N PHE A 41 -1.49 0.09 -19.99
CA PHE A 41 -2.92 0.26 -19.80
C PHE A 41 -3.45 1.32 -20.76
N ASN A 42 -4.62 1.08 -21.36
CA ASN A 42 -5.23 2.09 -22.26
C ASN A 42 -5.98 3.18 -21.46
N GLU A 43 -6.71 4.07 -22.14
CA GLU A 43 -7.43 5.16 -21.46
C GLU A 43 -8.55 4.70 -20.56
N LYS A 44 -9.13 3.53 -20.85
CA LYS A 44 -10.20 2.96 -20.03
C LYS A 44 -9.60 2.24 -18.83
N LEU A 45 -8.27 2.30 -18.72
CA LEU A 45 -7.49 1.65 -17.65
C LEU A 45 -7.55 0.14 -17.76
N GLU A 46 -7.68 -0.35 -18.98
CA GLU A 46 -7.68 -1.77 -19.22
C GLU A 46 -6.23 -2.15 -19.49
N ARG A 47 -5.80 -3.29 -18.97
CA ARG A 47 -4.42 -3.75 -19.17
C ARG A 47 -4.31 -4.41 -20.53
N VAL A 48 -3.34 -3.96 -21.34
CA VAL A 48 -3.12 -4.46 -22.69
C VAL A 48 -1.76 -5.14 -22.90
N ALA A 49 -0.92 -5.21 -21.86
CA ALA A 49 0.38 -5.88 -21.95
C ALA A 49 0.97 -6.15 -20.57
N THR A 50 1.69 -7.26 -20.48
CA THR A 50 2.34 -7.70 -19.25
C THR A 50 3.70 -8.34 -19.57
N GLU A 51 4.71 -8.01 -18.76
CA GLU A 51 6.04 -8.62 -18.91
C GLU A 51 6.81 -8.46 -17.60
N ARG A 52 7.68 -9.42 -17.31
CA ARG A 52 8.52 -9.42 -16.11
C ARG A 52 9.96 -9.78 -16.54
N VAL A 53 10.92 -9.11 -15.91
CA VAL A 53 12.32 -9.31 -16.19
C VAL A 53 13.08 -9.30 -14.85
N PRO A 54 14.26 -9.93 -14.79
CA PRO A 54 14.93 -9.91 -13.50
C PRO A 54 15.46 -8.51 -13.13
N THR A 55 15.44 -8.21 -11.83
CA THR A 55 15.99 -6.97 -11.33
C THR A 55 17.49 -7.15 -11.27
N PRO A 56 18.26 -6.31 -11.98
CA PRO A 56 19.69 -6.50 -11.92
C PRO A 56 20.21 -6.40 -10.50
N THR A 57 20.78 -7.49 -10.02
CA THR A 57 21.36 -7.49 -8.71
C THR A 57 22.62 -6.60 -8.77
N ASP A 58 22.68 -5.65 -7.84
CA ASP A 58 23.76 -4.66 -7.67
C ASP A 58 24.49 -4.14 -8.93
N ASP A 59 23.73 -3.69 -9.92
CA ASP A 59 24.26 -3.13 -11.15
C ASP A 59 23.30 -1.99 -11.58
N TYR A 60 23.59 -0.79 -11.11
CA TYR A 60 22.69 0.34 -11.36
C TYR A 60 22.67 0.76 -12.83
N PRO A 61 23.83 0.77 -13.51
CA PRO A 61 23.73 1.10 -14.93
C PRO A 61 22.82 0.10 -15.69
N LEU A 62 22.87 -1.18 -15.29
CA LEU A 62 22.04 -2.19 -15.95
C LEU A 62 20.56 -2.06 -15.54
N LEU A 63 20.31 -1.55 -14.34
CA LEU A 63 18.92 -1.31 -13.89
C LEU A 63 18.27 -0.27 -14.79
N LEU A 64 19.01 0.83 -15.01
CA LEU A 64 18.55 1.90 -15.90
C LEU A 64 18.33 1.38 -17.33
N GLU A 65 19.27 0.57 -17.81
N GLU A 65 19.29 0.59 -17.81
CA GLU A 65 19.19 0.05 -19.17
CA GLU A 65 19.25 -0.02 -19.13
C GLU A 65 17.97 -0.89 -19.34
C GLU A 65 18.02 -0.90 -19.33
N THR A 66 17.71 -1.72 -18.33
CA THR A 66 16.56 -2.65 -18.38
C THR A 66 15.21 -1.90 -18.46
N ILE A 67 15.05 -0.88 -17.63
CA ILE A 67 13.81 -0.10 -17.62
C ILE A 67 13.68 0.65 -18.95
N ALA A 68 14.73 1.36 -19.35
CA ALA A 68 14.73 2.12 -20.61
C ALA A 68 14.43 1.21 -21.80
N GLY A 69 14.95 -0.02 -21.74
CA GLY A 69 14.75 -1.00 -22.80
C GLY A 69 13.29 -1.41 -22.95
N LEU A 70 12.59 -1.58 -21.82
CA LEU A 70 11.17 -1.96 -21.86
C LEU A 70 10.34 -0.81 -22.46
N VAL A 71 10.61 0.42 -22.00
CA VAL A 71 9.92 1.60 -22.54
C VAL A 71 10.10 1.65 -24.06
N ALA A 72 11.34 1.45 -24.53
CA ALA A 72 11.62 1.46 -25.97
C ALA A 72 10.91 0.33 -26.71
N LYS A 73 10.87 -0.86 -26.11
CA LYS A 73 10.20 -2.02 -26.72
C LYS A 73 8.72 -1.79 -26.93
N TYR A 74 8.04 -1.33 -25.89
CA TYR A 74 6.60 -1.13 -25.99
C TYR A 74 6.23 0.11 -26.79
N ASP A 75 7.08 1.13 -26.80
CA ASP A 75 6.84 2.31 -27.61
C ASP A 75 6.82 1.90 -29.09
N GLN A 76 7.74 1.04 -29.49
CA GLN A 76 7.75 0.58 -30.89
C GLN A 76 6.56 -0.33 -31.16
N GLU A 77 6.22 -1.17 -30.19
CA GLU A 77 5.11 -2.12 -30.33
C GLU A 77 3.73 -1.42 -30.45
N PHE A 78 3.54 -0.33 -29.72
CA PHE A 78 2.29 0.44 -29.79
C PHE A 78 2.39 1.63 -30.74
N ALA A 79 3.57 1.84 -31.32
CA ALA A 79 3.83 2.98 -32.20
C ALA A 79 3.42 4.30 -31.52
N CYS A 80 3.81 4.46 -30.25
N CYS A 80 3.77 4.45 -30.24
CA CYS A 80 3.46 5.65 -29.48
CA CYS A 80 3.47 5.69 -29.49
C CYS A 80 4.32 5.74 -28.23
C CYS A 80 4.32 5.74 -28.23
N GLU A 81 4.40 6.92 -27.64
CA GLU A 81 5.19 7.11 -26.42
C GLU A 81 4.29 7.10 -25.19
N GLY A 82 4.29 6.00 -24.47
CA GLY A 82 3.49 5.88 -23.28
C GLY A 82 4.06 6.73 -22.13
N LYS A 83 3.17 7.08 -21.22
CA LYS A 83 3.51 7.79 -19.98
C LYS A 83 4.22 6.78 -19.08
N ILE A 84 5.19 7.23 -18.28
CA ILE A 84 5.99 6.32 -17.46
C ILE A 84 5.85 6.58 -15.97
N GLY A 85 5.36 5.57 -15.27
CA GLY A 85 5.23 5.57 -13.82
C GLY A 85 5.92 4.35 -13.24
N LEU A 86 6.52 4.52 -12.05
CA LEU A 86 7.29 3.45 -11.40
C LEU A 86 7.08 3.44 -9.88
N GLY A 87 6.87 2.25 -9.34
CA GLY A 87 6.72 2.04 -7.92
C GLY A 87 7.84 1.11 -7.40
N LEU A 88 8.22 1.30 -6.14
CA LEU A 88 9.25 0.47 -5.52
C LEU A 88 9.06 0.44 -4.02
N PRO A 89 9.67 -0.56 -3.35
CA PRO A 89 9.61 -0.64 -1.89
C PRO A 89 10.63 0.34 -1.36
N GLY A 90 10.19 1.58 -1.27
CA GLY A 90 11.03 2.68 -0.85
C GLY A 90 10.33 3.99 -1.16
N MET A 91 11.11 5.06 -1.33
CA MET A 91 10.57 6.39 -1.59
C MET A 91 11.67 7.28 -2.12
N GLU A 92 11.28 8.47 -2.55
CA GLU A 92 12.22 9.49 -2.96
C GLU A 92 12.42 10.46 -1.81
N ASP A 93 13.68 10.89 -1.62
CA ASP A 93 14.00 11.92 -0.66
C ASP A 93 13.45 13.18 -1.28
N ALA A 94 12.57 13.86 -0.56
CA ALA A 94 11.85 15.03 -1.08
C ALA A 94 12.72 16.24 -1.44
N ASP A 95 13.88 16.34 -0.80
CA ASP A 95 14.77 17.46 -1.05
C ASP A 95 15.86 17.21 -2.11
N ASP A 96 16.36 15.98 -2.25
CA ASP A 96 17.42 15.74 -3.25
C ASP A 96 17.03 14.73 -4.34
N ALA A 97 15.80 14.23 -4.29
CA ALA A 97 15.27 13.34 -5.31
C ALA A 97 16.08 12.05 -5.56
N THR A 98 16.74 11.55 -4.52
CA THR A 98 17.47 10.30 -4.56
C THR A 98 16.61 9.22 -3.91
N VAL A 99 16.84 7.96 -4.25
CA VAL A 99 16.04 6.89 -3.70
C VAL A 99 16.49 6.38 -2.33
N LEU A 100 15.52 6.17 -1.45
CA LEU A 100 15.71 5.56 -0.14
C LEU A 100 15.08 4.18 -0.28
N THR A 101 15.89 3.13 -0.12
CA THR A 101 15.40 1.75 -0.23
C THR A 101 16.42 0.76 0.36
N VAL A 102 15.95 -0.43 0.73
CA VAL A 102 16.86 -1.51 1.15
C VAL A 102 16.71 -2.72 0.23
N ASN A 103 15.53 -2.92 -0.36
CA ASN A 103 15.29 -4.09 -1.23
C ASN A 103 15.77 -3.98 -2.67
N VAL A 104 16.08 -2.76 -3.12
CA VAL A 104 16.65 -2.56 -4.44
C VAL A 104 17.96 -1.82 -4.16
N PRO A 105 18.93 -2.51 -3.52
CA PRO A 105 20.18 -1.89 -3.04
C PRO A 105 20.96 -1.09 -4.08
N ALA A 106 20.96 -1.55 -5.31
CA ALA A 106 21.64 -0.83 -6.39
C ALA A 106 21.13 0.63 -6.58
N ALA A 107 19.86 0.86 -6.26
CA ALA A 107 19.26 2.19 -6.41
C ALA A 107 19.42 3.10 -5.19
N LYS A 108 19.90 2.56 -4.06
CA LYS A 108 19.98 3.34 -2.83
C LYS A 108 20.86 4.57 -2.98
N GLY A 109 20.32 5.74 -2.65
CA GLY A 109 21.06 6.99 -2.75
C GLY A 109 21.25 7.52 -4.17
N LYS A 110 20.70 6.85 -5.18
CA LYS A 110 20.83 7.28 -6.59
C LYS A 110 19.68 8.17 -7.06
N PRO A 111 19.96 9.12 -7.98
CA PRO A 111 18.91 9.98 -8.52
C PRO A 111 18.18 9.23 -9.65
N LEU A 112 17.49 8.15 -9.26
CA LEU A 112 16.81 7.26 -10.17
C LEU A 112 15.89 7.98 -11.16
N ARG A 113 15.10 8.93 -10.70
CA ARG A 113 14.22 9.63 -11.63
C ARG A 113 14.97 10.43 -12.68
N ALA A 114 15.97 11.20 -12.25
CA ALA A 114 16.74 12.04 -13.18
C ALA A 114 17.51 11.18 -14.18
N ASP A 115 18.05 10.07 -13.69
CA ASP A 115 18.82 9.15 -14.56
C ASP A 115 17.95 8.48 -15.62
N LEU A 116 16.76 8.04 -15.23
CA LEU A 116 15.82 7.46 -16.19
C LEU A 116 15.38 8.49 -17.21
N GLU A 117 14.98 9.67 -16.74
CA GLU A 117 14.56 10.74 -17.64
C GLU A 117 15.66 11.09 -18.69
N ALA A 118 16.93 11.14 -18.26
CA ALA A 118 18.03 11.45 -19.16
C ALA A 118 18.19 10.33 -20.20
N LYS A 119 18.09 9.09 -19.75
CA LYS A 119 18.24 7.94 -20.63
C LYS A 119 17.08 7.76 -21.62
N ILE A 120 15.86 7.83 -21.10
CA ILE A 120 14.64 7.62 -21.90
C ILE A 120 14.28 8.81 -22.76
N GLY A 121 14.49 10.02 -22.26
CA GLY A 121 14.20 11.22 -23.02
C GLY A 121 12.88 11.89 -22.70
N ARG A 122 12.23 11.46 -21.62
CA ARG A 122 10.97 12.11 -21.18
C ARG A 122 10.72 11.85 -19.70
N SER A 123 9.73 12.55 -19.15
CA SER A 123 9.38 12.47 -17.71
C SER A 123 9.03 11.07 -17.22
N VAL A 124 9.35 10.84 -15.95
CA VAL A 124 9.07 9.59 -15.26
C VAL A 124 8.55 9.99 -13.87
N LYS A 125 7.53 9.31 -13.37
CA LYS A 125 7.04 9.55 -12.00
C LYS A 125 7.37 8.33 -11.16
N ILE A 126 7.82 8.57 -9.93
CA ILE A 126 8.19 7.51 -8.98
C ILE A 126 7.38 7.64 -7.71
N GLU A 127 6.94 6.52 -7.17
CA GLU A 127 6.16 6.54 -5.95
C GLU A 127 6.36 5.24 -5.14
N ASN A 128 6.13 5.32 -3.84
CA ASN A 128 6.18 4.16 -2.94
C ASN A 128 5.16 3.11 -3.38
N ASP A 129 5.52 1.84 -3.26
CA ASP A 129 4.62 0.76 -3.71
C ASP A 129 3.28 0.64 -2.95
N ALA A 130 3.23 1.01 -1.68
CA ALA A 130 1.97 0.97 -0.94
C ALA A 130 1.05 2.13 -1.37
N ASN A 131 1.64 3.27 -1.71
CA ASN A 131 0.85 4.38 -2.29
C ASN A 131 0.31 3.91 -3.65
N CYS A 132 1.11 3.14 -4.40
CA CYS A 132 0.62 2.63 -5.68
C CYS A 132 -0.59 1.69 -5.45
N PHE A 133 -0.50 0.79 -4.48
CA PHE A 133 -1.63 -0.07 -4.11
C PHE A 133 -2.91 0.71 -3.88
N ALA A 134 -2.81 1.78 -3.11
CA ALA A 134 -3.98 2.62 -2.77
C ALA A 134 -4.56 3.27 -4.00
N LEU A 135 -3.68 3.77 -4.86
CA LEU A 135 -4.13 4.45 -6.10
C LEU A 135 -4.83 3.44 -7.03
N SER A 136 -4.29 2.23 -7.07
CA SER A 136 -4.87 1.14 -7.86
C SER A 136 -6.30 0.84 -7.41
N GLU A 137 -6.52 0.81 -6.10
CA GLU A 137 -7.87 0.52 -5.57
C GLU A 137 -8.82 1.67 -5.85
N ALA A 138 -8.31 2.90 -5.73
CA ALA A 138 -9.09 4.12 -5.94
C ALA A 138 -9.62 4.28 -7.37
N TRP A 139 -8.94 3.68 -8.35
CA TRP A 139 -9.36 3.74 -9.74
C TRP A 139 -10.21 2.56 -10.17
N ASP A 140 -10.56 1.69 -9.24
CA ASP A 140 -11.52 0.63 -9.53
C ASP A 140 -12.80 1.34 -9.91
N GLU A 141 -13.56 0.76 -10.82
CA GLU A 141 -14.84 1.30 -11.29
C GLU A 141 -15.80 1.77 -10.18
N GLU A 142 -15.85 1.03 -9.09
CA GLU A 142 -16.76 1.38 -7.99
C GLU A 142 -16.28 2.50 -7.08
N LEU A 143 -14.99 2.81 -7.08
CA LEU A 143 -14.47 3.87 -6.21
C LEU A 143 -14.06 5.16 -6.95
N GLN A 144 -14.14 5.16 -8.28
CA GLN A 144 -13.72 6.33 -9.09
C GLN A 144 -14.40 7.65 -8.70
N ASP A 145 -15.63 7.55 -8.20
CA ASP A 145 -16.39 8.73 -7.80
C ASP A 145 -16.13 9.15 -6.34
N ALA A 146 -15.41 8.32 -5.55
CA ALA A 146 -15.14 8.68 -4.15
C ALA A 146 -14.14 9.83 -4.10
N PRO A 147 -14.48 10.93 -3.42
CA PRO A 147 -13.51 12.04 -3.34
C PRO A 147 -12.19 11.68 -2.63
N SER A 148 -12.21 10.76 -1.68
CA SER A 148 -11.00 10.31 -0.98
C SER A 148 -11.05 8.81 -0.79
N VAL A 149 -9.87 8.18 -0.88
CA VAL A 149 -9.72 6.75 -0.65
C VAL A 149 -8.48 6.57 0.20
N MET A 150 -8.63 5.77 1.25
CA MET A 150 -7.54 5.45 2.12
C MET A 150 -7.29 3.97 1.91
N GLY A 151 -6.15 3.65 1.30
CA GLY A 151 -5.78 2.26 1.00
C GLY A 151 -4.73 1.83 2.01
N LEU A 152 -5.06 0.82 2.82
CA LEU A 152 -4.15 0.36 3.88
C LEU A 152 -3.78 -1.10 3.73
N ILE A 153 -2.51 -1.42 3.96
CA ILE A 153 -2.03 -2.79 3.90
C ILE A 153 -1.84 -3.29 5.32
N LEU A 154 -2.55 -4.37 5.66
CA LEU A 154 -2.46 -5.01 6.95
C LEU A 154 -1.83 -6.37 6.72
N GLY A 155 -0.51 -6.42 6.78
CA GLY A 155 0.18 -7.68 6.58
C GLY A 155 1.48 -7.64 7.34
N THR A 156 2.56 -7.40 6.60
CA THR A 156 3.88 -7.29 7.19
C THR A 156 3.89 -6.13 8.18
N GLY A 157 3.17 -5.07 7.81
CA GLY A 157 3.04 -3.87 8.62
C GLY A 157 1.66 -3.26 8.44
N PHE A 158 1.56 -1.98 8.79
CA PHE A 158 0.31 -1.24 8.67
C PHE A 158 0.58 0.13 8.11
N GLY A 159 -0.24 0.56 7.17
CA GLY A 159 -0.08 1.91 6.59
C GLY A 159 -0.39 1.87 5.12
N GLY A 160 -0.36 3.01 4.49
CA GLY A 160 -0.66 3.02 3.09
C GLY A 160 -0.63 4.34 2.42
N GLY A 161 -1.69 4.59 1.65
CA GLY A 161 -1.77 5.78 0.84
C GLY A 161 -3.08 6.52 0.95
N LEU A 162 -2.96 7.82 0.86
CA LEU A 162 -4.07 8.75 0.90
C LEU A 162 -4.22 9.25 -0.53
N ILE A 163 -5.39 8.98 -1.10
CA ILE A 163 -5.72 9.36 -2.47
C ILE A 163 -6.85 10.37 -2.42
N TYR A 164 -6.66 11.49 -3.13
CA TYR A 164 -7.66 12.55 -3.22
C TYR A 164 -7.96 12.81 -4.68
N GLU A 165 -9.22 12.68 -5.06
CA GLU A 165 -9.63 12.91 -6.44
C GLU A 165 -8.79 12.10 -7.42
N GLY A 166 -8.47 10.87 -7.08
CA GLY A 166 -7.69 10.02 -7.97
C GLY A 166 -6.20 10.32 -8.07
N LYS A 167 -5.67 11.15 -7.14
CA LYS A 167 -4.24 11.44 -7.08
C LYS A 167 -3.63 11.19 -5.70
N VAL A 168 -2.47 10.55 -5.68
CA VAL A 168 -1.79 10.27 -4.43
C VAL A 168 -1.36 11.59 -3.79
N PHE A 169 -1.60 11.74 -2.50
CA PHE A 169 -1.04 12.87 -1.75
C PHE A 169 0.26 12.33 -1.13
N SER A 170 1.41 12.77 -1.65
N SER A 170 1.41 12.77 -1.64
CA SER A 170 2.71 12.27 -1.20
CA SER A 170 2.68 12.24 -1.15
C SER A 170 3.17 12.86 0.13
C SER A 170 3.18 12.86 0.14
N GLY A 171 2.94 14.15 0.32
CA GLY A 171 3.36 14.85 1.55
C GLY A 171 4.68 15.60 1.42
N ARG A 172 4.92 16.52 2.35
CA ARG A 172 6.14 17.33 2.28
C ARG A 172 7.45 16.49 2.25
N ASN A 173 7.45 15.36 2.95
CA ASN A 173 8.63 14.47 3.05
C ASN A 173 8.44 13.14 2.30
N ASN A 174 7.35 13.05 1.54
CA ASN A 174 6.96 11.82 0.84
C ASN A 174 6.58 10.72 1.83
N VAL A 175 6.04 11.10 3.00
CA VAL A 175 5.64 10.12 4.01
C VAL A 175 4.15 10.16 4.37
N ALA A 176 3.37 11.03 3.73
CA ALA A 176 1.93 11.04 4.00
C ALA A 176 1.42 9.60 3.87
N GLY A 177 0.53 9.21 4.79
CA GLY A 177 -0.02 7.86 4.79
C GLY A 177 0.71 6.85 5.66
N GLU A 178 1.80 7.28 6.33
CA GLU A 178 2.54 6.38 7.25
C GLU A 178 1.84 6.29 8.62
N LEU A 179 0.56 5.91 8.57
CA LEU A 179 -0.27 5.79 9.76
C LEU A 179 0.30 4.74 10.73
N GLY A 180 1.08 3.82 10.19
CA GLY A 180 1.71 2.77 10.97
C GLY A 180 2.70 3.31 11.96
N HIS A 181 3.22 4.51 11.70
CA HIS A 181 4.22 5.07 12.56
C HIS A 181 3.76 6.30 13.37
N MET A 182 2.48 6.26 13.75
CA MET A 182 1.92 7.14 14.78
C MET A 182 1.87 6.18 15.96
N ARG A 183 2.01 6.69 17.18
CA ARG A 183 1.87 5.85 18.37
C ARG A 183 0.39 5.58 18.64
N LEU A 184 0.12 4.49 19.33
CA LEU A 184 -1.25 4.12 19.71
C LEU A 184 -1.95 5.28 20.41
N PRO A 185 -3.24 5.54 20.06
CA PRO A 185 -3.98 6.56 20.78
C PRO A 185 -4.22 6.04 22.20
N LEU A 186 -4.39 6.96 23.15
CA LEU A 186 -4.52 6.57 24.57
C LEU A 186 -5.64 5.59 24.85
N ASP A 187 -6.79 5.77 24.21
CA ASP A 187 -7.90 4.82 24.41
C ASP A 187 -7.58 3.37 23.93
N ALA A 188 -6.71 3.23 22.93
CA ALA A 188 -6.26 1.91 22.45
C ALA A 188 -5.33 1.29 23.51
N TRP A 189 -4.49 2.12 24.12
CA TRP A 189 -3.60 1.67 25.19
C TRP A 189 -4.38 1.21 26.42
N PHE A 190 -5.42 1.96 26.80
CA PHE A 190 -6.24 1.58 27.94
C PHE A 190 -7.00 0.29 27.63
N HIS A 191 -7.43 0.14 26.38
CA HIS A 191 -8.15 -1.05 25.96
C HIS A 191 -7.33 -2.33 26.18
N LEU A 192 -6.02 -2.22 25.96
CA LEU A 192 -5.11 -3.36 26.13
C LEU A 192 -4.91 -3.75 27.60
N GLY A 193 -5.34 -2.88 28.52
CA GLY A 193 -5.30 -3.18 29.97
C GLY A 193 -3.96 -3.24 30.69
N ASP A 194 -4.00 -3.75 31.92
CA ASP A 194 -2.82 -3.85 32.79
C ASP A 194 -1.66 -4.64 32.18
N ASN A 195 -1.95 -5.64 31.36
CA ASN A 195 -0.91 -6.47 30.75
C ASN A 195 -0.57 -6.02 29.33
N ALA A 196 -0.96 -4.80 28.97
CA ALA A 196 -0.67 -4.28 27.64
C ALA A 196 0.83 -4.31 27.39
N PRO A 197 1.25 -4.86 26.24
CA PRO A 197 2.66 -4.86 25.90
C PRO A 197 3.07 -3.62 25.12
N LEU A 198 4.25 -3.08 25.43
CA LEU A 198 4.81 -1.94 24.70
C LEU A 198 5.77 -2.58 23.69
N LEU A 199 5.33 -2.63 22.43
CA LEU A 199 6.09 -3.26 21.36
C LEU A 199 7.01 -2.29 20.62
N GLY A 200 8.26 -2.70 20.41
CA GLY A 200 9.22 -1.87 19.69
C GLY A 200 8.90 -1.85 18.20
N CYS A 201 9.36 -0.79 17.52
CA CYS A 201 9.17 -0.68 16.08
C CYS A 201 10.52 -0.48 15.37
N GLY A 202 10.62 -1.01 14.16
CA GLY A 202 11.84 -0.86 13.37
C GLY A 202 12.13 0.56 12.93
N CYS A 203 11.18 1.50 13.09
CA CYS A 203 11.46 2.90 12.75
C CYS A 203 12.28 3.57 13.86
N GLY A 204 12.35 2.91 15.02
CA GLY A 204 13.10 3.42 16.17
C GLY A 204 12.21 3.81 17.35
N LYS A 205 10.90 3.86 17.16
CA LYS A 205 9.98 4.24 18.23
C LYS A 205 9.42 2.99 18.93
N LYS A 206 8.62 3.22 19.97
CA LYS A 206 7.97 2.16 20.74
C LYS A 206 6.48 2.48 20.77
N GLY A 207 5.65 1.46 20.57
CA GLY A 207 4.19 1.65 20.55
C GLY A 207 3.54 2.07 19.22
N CYS A 208 4.25 1.95 18.10
CA CYS A 208 3.68 2.29 16.78
C CYS A 208 2.53 1.37 16.36
N LEU A 209 1.53 1.91 15.68
CA LEU A 209 0.41 1.09 15.16
C LEU A 209 0.89 -0.10 14.33
N ASP A 210 2.00 0.12 13.62
CA ASP A 210 2.63 -0.87 12.76
C ASP A 210 2.93 -2.19 13.49
N SER A 211 3.18 -2.11 14.79
CA SER A 211 3.53 -3.29 15.59
C SER A 211 2.32 -3.98 16.21
N TYR A 212 1.14 -3.40 16.06
CA TYR A 212 -0.08 -3.97 16.62
C TYR A 212 -1.14 -4.36 15.61
N LEU A 213 -1.36 -3.52 14.61
CA LEU A 213 -2.43 -3.75 13.65
C LEU A 213 -2.05 -4.55 12.41
N SER A 214 -0.78 -4.89 12.27
CA SER A 214 -0.30 -5.71 11.18
C SER A 214 -0.60 -7.18 11.46
N GLY A 215 -0.33 -8.03 10.47
CA GLY A 215 -0.49 -9.48 10.61
C GLY A 215 0.52 -9.98 11.65
N ARG A 216 1.71 -9.39 11.62
CA ARG A 216 2.75 -9.71 12.59
C ARG A 216 2.27 -9.31 13.99
N GLY A 217 1.63 -8.14 14.11
CA GLY A 217 1.13 -7.63 15.40
C GLY A 217 0.05 -8.52 16.00
N PHE A 218 -0.87 -8.96 15.16
CA PHE A 218 -1.94 -9.87 15.53
C PHE A 218 -1.33 -11.12 16.24
N GLU A 219 -0.21 -11.59 15.70
CA GLU A 219 0.49 -12.77 16.26
C GLU A 219 1.25 -12.44 17.55
N LEU A 220 1.87 -11.27 17.62
CA LEU A 220 2.61 -10.89 18.82
C LEU A 220 1.65 -10.70 20.00
N LEU A 221 0.49 -10.10 19.72
CA LEU A 221 -0.53 -9.89 20.76
C LEU A 221 -1.03 -11.21 21.32
N TYR A 222 -1.22 -12.21 20.45
CA TYR A 222 -1.65 -13.53 20.90
C TYR A 222 -0.54 -14.16 21.76
N ALA A 223 0.70 -14.07 21.28
CA ALA A 223 1.84 -14.65 22.00
C ALA A 223 2.03 -14.00 23.36
N HIS A 224 1.84 -12.69 23.43
CA HIS A 224 2.03 -11.97 24.70
C HIS A 224 0.99 -12.32 25.75
N TYR A 225 -0.28 -12.38 25.35
CA TYR A 225 -1.37 -12.69 26.29
C TYR A 225 -1.56 -14.17 26.59
N TYR A 226 -0.98 -15.06 25.76
CA TYR A 226 -1.18 -16.50 25.98
C TYR A 226 0.10 -17.36 25.96
N GLY A 227 1.26 -16.71 25.91
CA GLY A 227 2.57 -17.41 25.94
C GLY A 227 2.70 -18.58 24.99
N GLU A 228 2.31 -18.37 23.73
CA GLU A 228 2.36 -19.40 22.72
C GLU A 228 2.39 -18.74 21.35
N GLU A 229 3.31 -19.16 20.48
CA GLU A 229 3.42 -18.57 19.15
C GLU A 229 2.58 -19.29 18.10
N LYS A 230 1.40 -18.75 17.81
CA LYS A 230 0.54 -19.30 16.77
C LYS A 230 0.58 -18.38 15.57
N LYS A 231 0.33 -18.93 14.40
CA LYS A 231 0.32 -18.15 13.17
C LYS A 231 -1.09 -17.62 12.96
N ALA A 232 -1.20 -16.42 12.41
CA ALA A 232 -2.51 -15.78 12.19
C ALA A 232 -3.57 -16.78 11.69
N ILE A 233 -3.23 -17.52 10.63
CA ILE A 233 -4.16 -18.49 10.03
C ILE A 233 -4.71 -19.48 11.08
N ASP A 234 -3.82 -20.00 11.92
CA ASP A 234 -4.20 -20.97 12.95
C ASP A 234 -5.06 -20.34 14.07
N ILE A 235 -4.78 -19.09 14.40
CA ILE A 235 -5.55 -18.39 15.43
C ILE A 235 -6.97 -18.17 14.93
N ILE A 236 -7.08 -17.79 13.65
CA ILE A 236 -8.36 -17.59 12.98
C ILE A 236 -9.10 -18.93 12.87
N LYS A 237 -8.34 -20.00 12.66
CA LYS A 237 -8.94 -21.32 12.58
C LYS A 237 -9.51 -21.71 13.95
N ALA A 238 -8.75 -21.50 15.02
CA ALA A 238 -9.19 -21.82 16.38
C ALA A 238 -10.43 -21.01 16.78
N ASN A 239 -10.45 -19.72 16.41
CA ASN A 239 -11.59 -18.86 16.72
C ASN A 239 -12.84 -19.41 16.04
N ALA A 240 -12.71 -19.70 14.75
CA ALA A 240 -13.81 -20.27 13.96
C ALA A 240 -14.30 -21.56 14.58
N ALA A 241 -13.38 -22.39 15.08
CA ALA A 241 -13.73 -23.67 15.72
C ALA A 241 -14.38 -23.46 17.08
N GLY A 242 -14.02 -22.39 17.79
CA GLY A 242 -14.59 -22.08 19.10
C GLY A 242 -13.63 -22.08 20.28
N ASP A 243 -12.33 -22.09 20.01
CA ASP A 243 -11.33 -22.04 21.06
C ASP A 243 -11.54 -20.76 21.84
N GLU A 244 -11.57 -20.86 23.17
CA GLU A 244 -11.79 -19.69 24.02
C GLU A 244 -10.70 -18.62 23.97
N LYS A 245 -9.44 -19.03 23.98
CA LYS A 245 -8.32 -18.08 23.93
C LYS A 245 -8.29 -17.34 22.60
N ALA A 246 -8.59 -18.05 21.52
CA ALA A 246 -8.63 -17.45 20.19
C ALA A 246 -9.77 -16.44 20.13
N ALA A 247 -10.93 -16.78 20.69
CA ALA A 247 -12.09 -15.87 20.69
C ALA A 247 -11.81 -14.62 21.51
N GLU A 248 -11.15 -14.80 22.65
CA GLU A 248 -10.79 -13.67 23.52
C GLU A 248 -9.81 -12.73 22.79
N HIS A 249 -8.85 -13.33 22.08
CA HIS A 249 -7.87 -12.56 21.29
C HIS A 249 -8.54 -11.80 20.14
N VAL A 250 -9.40 -12.48 19.41
CA VAL A 250 -10.09 -11.85 18.28
C VAL A 250 -10.94 -10.68 18.77
N GLU A 251 -11.63 -10.86 19.90
CA GLU A 251 -12.43 -9.79 20.50
C GLU A 251 -11.51 -8.62 20.87
N ARG A 252 -10.39 -8.94 21.51
CA ARG A 252 -9.42 -7.92 21.90
C ARG A 252 -8.92 -7.15 20.69
N PHE A 253 -8.51 -7.88 19.66
CA PHE A 253 -7.97 -7.28 18.43
C PHE A 253 -8.98 -6.47 17.64
N MET A 254 -10.21 -6.99 17.49
CA MET A 254 -11.23 -6.27 16.75
C MET A 254 -11.53 -4.92 17.36
N GLU A 255 -11.69 -4.86 18.68
CA GLU A 255 -11.98 -3.58 19.34
C GLU A 255 -10.76 -2.66 19.23
N LEU A 256 -9.55 -3.22 19.33
CA LEU A 256 -8.34 -2.41 19.18
C LEU A 256 -8.31 -1.73 17.80
N LEU A 257 -8.50 -2.52 16.75
CA LEU A 257 -8.51 -2.01 15.40
C LEU A 257 -9.59 -0.92 15.23
N ALA A 258 -10.79 -1.18 15.79
CA ALA A 258 -11.89 -0.20 15.72
C ALA A 258 -11.51 1.13 16.42
N ILE A 259 -10.87 1.04 17.57
CA ILE A 259 -10.43 2.24 18.29
C ILE A 259 -9.44 3.06 17.46
N CYS A 260 -8.44 2.37 16.88
CA CYS A 260 -7.44 3.03 16.07
C CYS A 260 -8.10 3.63 14.82
N PHE A 261 -9.01 2.88 14.18
CA PHE A 261 -9.73 3.44 13.05
C PHE A 261 -10.53 4.68 13.44
N GLY A 262 -11.21 4.63 14.58
CA GLY A 262 -12.02 5.76 15.02
C GLY A 262 -11.20 7.05 15.14
N ASN A 263 -10.00 6.93 15.70
CA ASN A 263 -9.10 8.05 15.86
C ASN A 263 -8.65 8.54 14.48
N ILE A 264 -8.22 7.63 13.62
CA ILE A 264 -7.76 7.99 12.28
C ILE A 264 -8.85 8.69 11.47
N PHE A 265 -10.08 8.18 11.53
CA PHE A 265 -11.18 8.76 10.77
C PHE A 265 -11.63 10.12 11.25
N THR A 266 -11.41 10.40 12.53
CA THR A 266 -11.78 11.68 13.10
C THR A 266 -10.86 12.77 12.50
N ALA A 267 -9.59 12.44 12.31
CA ALA A 267 -8.66 13.41 11.71
C ALA A 267 -8.72 13.45 10.17
N ASN A 268 -8.83 12.29 9.54
CA ASN A 268 -8.75 12.15 8.07
C ASN A 268 -10.07 11.92 7.30
N ASP A 269 -11.11 11.51 8.02
CA ASP A 269 -12.47 11.35 7.52
C ASP A 269 -12.59 10.89 6.06
N PRO A 270 -12.00 9.73 5.72
CA PRO A 270 -12.04 9.27 4.32
C PRO A 270 -13.41 8.77 3.88
N HIS A 271 -13.66 8.82 2.57
CA HIS A 271 -14.94 8.33 2.01
C HIS A 271 -14.97 6.82 1.93
N VAL A 272 -13.85 6.20 1.58
N VAL A 272 -13.83 6.21 1.57
CA VAL A 272 -13.78 4.74 1.52
CA VAL A 272 -13.73 4.75 1.47
C VAL A 272 -12.38 4.26 1.92
C VAL A 272 -12.37 4.28 1.97
N VAL A 273 -12.36 3.11 2.60
CA VAL A 273 -11.12 2.49 3.08
C VAL A 273 -11.02 1.12 2.43
N ALA A 274 -9.90 0.84 1.76
CA ALA A 274 -9.68 -0.45 1.13
C ALA A 274 -8.51 -1.11 1.83
N LEU A 275 -8.73 -2.35 2.28
CA LEU A 275 -7.70 -3.08 3.03
C LEU A 275 -7.02 -4.17 2.20
N GLY A 276 -5.69 -4.17 2.24
CA GLY A 276 -4.88 -5.14 1.54
C GLY A 276 -3.99 -5.92 2.52
N GLY A 277 -3.19 -6.84 2.01
CA GLY A 277 -2.28 -7.63 2.85
C GLY A 277 -2.91 -8.89 3.43
N GLY A 278 -2.07 -9.75 4.00
CA GLY A 278 -2.52 -11.02 4.57
C GLY A 278 -3.77 -10.96 5.43
N LEU A 279 -3.82 -10.02 6.39
CA LEU A 279 -4.99 -9.90 7.31
C LEU A 279 -6.26 -9.43 6.65
N SER A 280 -6.16 -8.70 5.54
CA SER A 280 -7.36 -8.25 4.86
C SER A 280 -8.21 -9.44 4.42
N ASN A 281 -7.64 -10.63 4.46
CA ASN A 281 -8.39 -11.84 4.12
C ASN A 281 -9.24 -12.37 5.27
N PHE A 282 -9.14 -11.76 6.45
CA PHE A 282 -9.93 -12.15 7.63
C PHE A 282 -11.27 -11.40 7.58
N GLU A 283 -12.25 -12.08 6.96
CA GLU A 283 -13.60 -11.52 6.69
C GLU A 283 -14.35 -10.91 7.86
N LEU A 284 -14.16 -11.42 9.07
CA LEU A 284 -14.85 -10.84 10.25
C LEU A 284 -14.56 -9.35 10.41
N ILE A 285 -13.40 -8.91 9.98
CA ILE A 285 -13.05 -7.48 10.04
C ILE A 285 -14.13 -6.62 9.40
N TYR A 286 -14.60 -7.04 8.22
CA TYR A 286 -15.59 -6.27 7.46
C TYR A 286 -16.95 -6.27 8.14
N GLU A 287 -17.28 -7.34 8.87
CA GLU A 287 -18.54 -7.41 9.63
C GLU A 287 -18.42 -6.60 10.91
N GLU A 288 -17.27 -6.70 11.57
CA GLU A 288 -17.07 -6.06 12.86
C GLU A 288 -16.82 -4.54 12.90
N MET A 289 -16.07 -4.00 11.94
CA MET A 289 -15.78 -2.56 12.00
C MET A 289 -17.05 -1.67 12.03
N PRO A 290 -18.03 -1.93 11.15
CA PRO A 290 -19.24 -1.09 11.17
C PRO A 290 -19.98 -1.12 12.50
N LYS A 291 -19.86 -2.23 13.24
CA LYS A 291 -20.53 -2.33 14.54
C LYS A 291 -19.72 -1.69 15.69
N ARG A 292 -18.41 -1.59 15.56
CA ARG A 292 -17.54 -1.09 16.64
C ARG A 292 -16.96 0.31 16.46
N VAL A 293 -16.70 0.71 15.23
CA VAL A 293 -16.10 2.02 14.98
C VAL A 293 -16.94 3.21 15.42
N PRO A 294 -18.26 3.18 15.15
CA PRO A 294 -19.07 4.37 15.47
C PRO A 294 -18.92 4.88 16.91
N LYS A 295 -18.73 3.96 17.86
CA LYS A 295 -18.51 4.34 19.26
C LYS A 295 -17.33 5.31 19.40
N TYR A 296 -16.29 5.11 18.61
CA TYR A 296 -15.08 5.92 18.71
C TYR A 296 -15.05 7.18 17.81
N LEU A 297 -16.15 7.44 17.10
CA LEU A 297 -16.28 8.60 16.24
C LEU A 297 -17.06 9.69 16.95
N LEU A 298 -16.97 10.90 16.41
CA LEU A 298 -17.77 12.01 16.87
C LEU A 298 -19.24 11.60 16.66
N SER A 299 -20.13 12.10 17.51
CA SER A 299 -21.56 11.74 17.42
C SER A 299 -22.20 11.99 16.05
N VAL A 300 -21.74 13.04 15.35
CA VAL A 300 -22.30 13.38 14.06
C VAL A 300 -21.72 12.56 12.89
N ALA A 301 -20.72 11.73 13.16
CA ALA A 301 -20.00 11.01 12.09
C ALA A 301 -20.36 9.52 11.98
N LYS A 302 -20.33 9.01 10.75
CA LYS A 302 -20.61 7.60 10.44
C LYS A 302 -19.34 6.92 9.97
N CYS A 303 -19.31 5.60 10.15
CA CYS A 303 -18.18 4.80 9.73
C CYS A 303 -18.12 4.81 8.20
N PRO A 304 -16.92 4.98 7.62
CA PRO A 304 -16.90 4.92 6.16
C PRO A 304 -17.09 3.51 5.64
N LYS A 305 -17.20 3.39 4.33
CA LYS A 305 -17.29 2.09 3.69
C LYS A 305 -15.90 1.50 3.80
N ILE A 306 -15.81 0.29 4.35
CA ILE A 306 -14.52 -0.40 4.52
C ILE A 306 -14.61 -1.72 3.76
N ILE A 307 -13.78 -1.88 2.73
CA ILE A 307 -13.85 -3.04 1.89
C ILE A 307 -12.53 -3.76 1.71
N LYS A 308 -12.59 -5.03 1.27
CA LYS A 308 -11.37 -5.79 0.94
C LYS A 308 -10.87 -5.31 -0.42
N ALA A 309 -9.55 -5.12 -0.53
CA ALA A 309 -8.92 -4.71 -1.78
C ALA A 309 -9.22 -5.69 -2.91
N LYS A 310 -9.47 -5.15 -4.09
CA LYS A 310 -9.81 -5.95 -5.25
C LYS A 310 -8.67 -6.24 -6.21
N HIS A 311 -7.63 -5.41 -6.20
CA HIS A 311 -6.56 -5.52 -7.17
C HIS A 311 -5.19 -5.70 -6.57
N GLY A 312 -5.14 -6.22 -5.35
CA GLY A 312 -3.87 -6.41 -4.63
C GLY A 312 -2.76 -7.07 -5.44
N ASP A 313 -3.07 -8.19 -6.07
CA ASP A 313 -2.08 -8.94 -6.86
C ASP A 313 -1.34 -8.10 -7.92
N SER A 314 -1.99 -7.09 -8.48
CA SER A 314 -1.37 -6.26 -9.50
C SER A 314 -1.41 -4.79 -9.14
N GLY A 315 -1.59 -4.51 -7.85
CA GLY A 315 -1.70 -3.14 -7.36
C GLY A 315 -0.49 -2.29 -7.61
N GLY A 316 0.71 -2.86 -7.45
CA GLY A 316 1.96 -2.14 -7.70
C GLY A 316 2.08 -1.58 -9.13
N VAL A 317 1.90 -2.44 -10.12
CA VAL A 317 1.97 -2.03 -11.53
C VAL A 317 0.82 -1.11 -11.95
N ARG A 318 -0.40 -1.43 -11.49
CA ARG A 318 -1.56 -0.60 -11.78
C ARG A 318 -1.37 0.81 -11.24
N GLY A 319 -1.06 0.91 -9.95
CA GLY A 319 -0.87 2.20 -9.31
C GLY A 319 0.25 3.00 -9.97
N ALA A 320 1.35 2.34 -10.28
CA ALA A 320 2.49 3.01 -10.94
C ALA A 320 2.04 3.59 -12.26
N ALA A 321 1.32 2.80 -13.05
CA ALA A 321 0.78 3.31 -14.33
C ALA A 321 -0.16 4.50 -14.11
N PHE A 322 -1.06 4.39 -13.13
CA PHE A 322 -2.08 5.44 -12.89
C PHE A 322 -1.58 6.75 -12.33
N LEU A 323 -0.32 6.81 -11.92
CA LEU A 323 0.28 8.04 -11.47
C LEU A 323 0.17 9.13 -12.55
N ASN A 324 0.11 8.71 -13.82
CA ASN A 324 0.04 9.66 -14.94
C ASN A 324 -1.35 9.98 -15.51
N ILE A 325 -2.42 9.54 -14.87
CA ILE A 325 -3.76 9.89 -15.35
C ILE A 325 -3.89 11.43 -15.24
N LYS A 326 -4.22 12.12 -16.33
CA LYS A 326 -4.38 13.59 -16.29
C LYS A 326 -5.59 13.97 -15.45
N GLY A 327 -5.35 14.69 -14.36
CA GLY A 327 -6.40 15.10 -13.43
C GLY A 327 -7.14 16.38 -13.81
ZN ZN B . 7.29 2.92 13.89
CL CL C . -5.30 -4.96 -14.10
CL CL D . 1.01 -9.71 3.49
CL CL D . 1.75 -8.16 2.69
S SO4 E . 7.27 14.65 -20.91
O1 SO4 E . 6.36 15.43 -20.08
O2 SO4 E . 8.62 14.74 -20.35
O3 SO4 E . 6.81 13.28 -20.97
O4 SO4 E . 7.31 15.19 -22.26
C1 GOL F . 2.58 16.08 -2.87
O1 GOL F . 2.47 16.19 -1.50
C2 GOL F . 1.24 15.62 -3.39
O2 GOL F . 1.33 14.38 -4.08
C3 GOL F . 0.72 16.76 -4.22
O3 GOL F . 0.53 17.81 -3.32
#